data_4LY3
#
_entry.id   4LY3
#
_cell.length_a   96.003
_cell.length_b   65.552
_cell.length_c   134.501
_cell.angle_alpha   90.00
_cell.angle_beta   109.83
_cell.angle_gamma   90.00
#
_symmetry.space_group_name_H-M   'C 1 2 1'
#
loop_
_entity.id
_entity.type
_entity.pdbx_description
1 polymer 'WlaRD a sugar 3N formyltransferase'
2 non-polymer 'N-[4-({[(6R)-2-amino-4-oxo-3,4,5,6,7,8-hexahydropteridin-6-yl]methyl}amino)benzoyl]-L-glutamic acid'
3 non-polymer '[(3R,4S,5S,6R)-4-amino-3,5-dihydroxy-6-methyloxan-2-yl][hydroxy-[[(2R,3S,5R)-3-hydroxy-5-(5-methyl-2,4-dioxopyrimidin-1-yl)oxolan-2-yl]methoxy]phosphoryl] hydrogen phosphate'
4 non-polymer '3[N-MORPHOLINO]PROPANE SULFONIC ACID'
5 non-polymer '[(2R,3R,4S,5S,6R)-4-formamido-6-methyl-3,5-bis(oxidanyl)oxan-2-yl] [[(2R,3S,5R)-5-[5-methyl-2,4-bis(oxidanylidene)pyrimidin-1-yl]-3-oxidanyl-oxolan-2-yl]methoxy-oxidanyl-phosphoryl] hydrogen phosphate'
6 water water
#
_entity_poly.entity_id   1
_entity_poly.type   'polypeptide(L)'
_entity_poly.pdbx_seq_one_letter_code
;GHMIKICIAGKNNIAVNSLQFILKNYFEADQIVVIPNKNDKGIDSWQKSLLKFALDNNIKIVTLDEIYNIEQIIFFSLEF
DQIIKIENFKSDRLFNIHFSALPKYKGVFTSITPILNNELESGVTLHRIDNGIDTGNIIDQHCFPIDINDTARDLYFNYL
KYGESIFKKNIQTIINNSYKDLKQTNINSSYFSRKDINLVHKINFKKTSFEIHNQIRAFIFQEYQLPIINNSKIIKSILA
NEFIGYNVFEEFENYFIISGIDGFKIIAQKLNKL
;
_entity_poly.pdbx_strand_id   A,B
#
loop_
_chem_comp.id
_chem_comp.type
_chem_comp.name
_chem_comp.formula
1YF non-polymer '[(2R,3R,4S,5S,6R)-4-formamido-6-methyl-3,5-bis(oxidanyl)oxan-2-yl] [[(2R,3S,5R)-5-[5-methyl-2,4-bis(oxidanylidene)pyrimidin-1-yl]-3-oxidanyl-oxolan-2-yl]methoxy-oxidanyl-phosphoryl] hydrogen phosphate' 'C17 H27 N3 O15 P2'
1YJ non-polymer 'N-[4-({[(6R)-2-amino-4-oxo-3,4,5,6,7,8-hexahydropteridin-6-yl]methyl}amino)benzoyl]-L-glutamic acid' 'C19 H23 N7 O6'
MPO non-polymer '3[N-MORPHOLINO]PROPANE SULFONIC ACID' 'C7 H15 N O4 S'
T3Q non-polymer '[(3R,4S,5S,6R)-4-amino-3,5-dihydroxy-6-methyloxan-2-yl][hydroxy-[[(2R,3S,5R)-3-hydroxy-5-(5-methyl-2,4-dioxopyrimidin-1-yl)oxolan-2-yl]methoxy]phosphoryl] hydrogen phosphate' 'C16 H27 N3 O14 P2'
#
# COMPACT_ATOMS: atom_id res chain seq x y z
N HIS A 2 -38.77 23.66 11.49
CA HIS A 2 -37.91 24.72 12.07
C HIS A 2 -37.39 25.59 10.92
N MET A 3 -37.09 26.86 11.24
CA MET A 3 -36.65 27.82 10.24
C MET A 3 -35.34 27.42 9.54
N ILE A 4 -34.36 27.08 10.36
CA ILE A 4 -33.04 26.54 9.94
C ILE A 4 -33.11 25.20 9.22
N LYS A 5 -32.70 25.21 7.96
CA LYS A 5 -32.69 24.04 7.12
C LYS A 5 -31.35 23.30 7.00
N ILE A 6 -30.24 23.98 7.26
CA ILE A 6 -28.90 23.44 6.96
C ILE A 6 -27.84 24.08 7.81
N CYS A 7 -26.93 23.24 8.29
CA CYS A 7 -25.70 23.63 8.95
C CYS A 7 -24.49 23.20 8.11
N ILE A 8 -23.59 24.15 7.81
CA ILE A 8 -22.32 23.88 7.16
C ILE A 8 -21.23 24.00 8.22
N ALA A 9 -20.47 22.93 8.42
CA ALA A 9 -19.54 22.84 9.55
C ALA A 9 -18.21 22.48 8.99
N GLY A 10 -17.19 23.22 9.37
CA GLY A 10 -15.87 22.92 8.84
C GLY A 10 -15.11 24.14 8.34
N LYS A 11 -14.37 23.99 7.25
CA LYS A 11 -13.35 24.99 6.94
C LYS A 11 -12.89 24.97 5.53
N ASN A 12 -12.19 26.05 5.20
CA ASN A 12 -11.44 26.20 3.99
C ASN A 12 -12.29 26.38 2.79
N ASN A 13 -11.70 26.48 1.61
CA ASN A 13 -12.47 26.93 0.47
C ASN A 13 -13.57 25.98 0.07
N ILE A 14 -13.40 24.70 0.39
CA ILE A 14 -14.48 23.76 0.11
C ILE A 14 -15.70 24.18 0.92
N ALA A 15 -15.55 24.51 2.18
CA ALA A 15 -16.69 24.90 3.01
C ALA A 15 -17.26 26.28 2.63
N VAL A 16 -16.36 27.24 2.40
CA VAL A 16 -16.81 28.58 2.04
C VAL A 16 -17.51 28.57 0.70
N ASN A 17 -16.96 27.93 -0.33
CA ASN A 17 -17.59 27.99 -1.66
C ASN A 17 -18.89 27.19 -1.71
N SER A 18 -18.93 26.09 -0.98
CA SER A 18 -20.13 25.30 -0.92
C SER A 18 -21.19 26.11 -0.24
N LEU A 19 -20.89 26.76 0.88
CA LEU A 19 -21.86 27.67 1.48
C LEU A 19 -22.29 28.79 0.52
N GLN A 20 -21.35 29.34 -0.22
CA GLN A 20 -21.72 30.43 -1.12
C GLN A 20 -22.71 29.90 -2.17
N PHE A 21 -22.52 28.66 -2.57
CA PHE A 21 -23.33 28.05 -3.61
C PHE A 21 -24.72 27.78 -3.05
N ILE A 22 -24.88 27.40 -1.78
CA ILE A 22 -26.24 27.18 -1.30
C ILE A 22 -26.93 28.53 -1.12
N LEU A 23 -26.21 29.51 -0.59
CA LEU A 23 -26.68 30.87 -0.40
C LEU A 23 -27.10 31.47 -1.75
N LYS A 24 -26.45 31.10 -2.82
CA LYS A 24 -26.85 31.62 -4.11
C LYS A 24 -28.08 30.91 -4.69
N ASN A 25 -28.19 29.60 -4.54
CA ASN A 25 -29.13 28.80 -5.32
C ASN A 25 -30.31 28.22 -4.52
N TYR A 26 -30.15 28.05 -3.21
CA TYR A 26 -31.06 27.18 -2.48
C TYR A 26 -31.68 27.80 -1.26
N PHE A 27 -30.88 28.39 -0.37
CA PHE A 27 -31.35 28.90 0.90
C PHE A 27 -30.90 30.34 1.24
N GLU A 28 -31.66 31.03 2.09
CA GLU A 28 -31.42 32.44 2.43
C GLU A 28 -30.52 32.36 3.65
N ALA A 29 -29.83 33.43 4.03
CA ALA A 29 -28.98 33.41 5.24
C ALA A 29 -29.66 32.93 6.52
N ASP A 30 -30.90 33.38 6.64
CA ASP A 30 -31.85 33.01 7.68
C ASP A 30 -32.10 31.52 7.93
N GLN A 31 -31.90 30.75 6.88
CA GLN A 31 -32.17 29.32 6.85
C GLN A 31 -30.89 28.45 7.06
N ILE A 32 -29.77 29.10 7.41
CA ILE A 32 -28.41 28.50 7.45
C ILE A 32 -27.75 28.87 8.78
N VAL A 33 -27.08 27.91 9.39
CA VAL A 33 -26.14 28.13 10.48
C VAL A 33 -24.77 27.50 10.23
N VAL A 34 -23.79 27.95 10.98
CA VAL A 34 -22.44 27.58 10.62
C VAL A 34 -21.73 27.22 11.88
N ILE A 35 -20.98 26.12 11.82
CA ILE A 35 -19.99 25.76 12.85
C ILE A 35 -18.59 25.74 12.20
N PRO A 36 -17.82 26.81 12.39
CA PRO A 36 -16.38 26.80 12.06
C PRO A 36 -15.57 25.84 12.91
N ASN A 37 -14.39 25.48 12.42
CA ASN A 37 -13.47 24.70 13.23
C ASN A 37 -12.84 25.56 14.33
N LYS A 38 -12.37 24.90 15.39
CA LYS A 38 -11.85 25.62 16.53
C LYS A 38 -10.77 26.59 16.14
N ASN A 39 -9.94 26.22 15.20
CA ASN A 39 -8.80 27.04 14.84
C ASN A 39 -9.12 28.17 13.82
N ASP A 40 -10.39 28.38 13.44
CA ASP A 40 -10.72 29.37 12.41
C ASP A 40 -10.33 30.73 13.00
N LYS A 41 -9.43 31.39 12.33
CA LYS A 41 -9.04 32.75 12.73
C LYS A 41 -9.99 33.90 12.39
N GLY A 42 -10.91 33.73 11.45
CA GLY A 42 -11.85 34.81 11.10
C GLY A 42 -11.22 35.83 10.15
N ILE A 43 -10.07 35.47 9.59
CA ILE A 43 -9.40 36.18 8.51
C ILE A 43 -9.08 35.19 7.43
N ASP A 44 -8.99 35.64 6.18
CA ASP A 44 -8.49 34.81 5.12
C ASP A 44 -6.98 34.69 5.18
N SER A 45 -6.51 33.54 4.73
CA SER A 45 -5.08 33.23 4.65
C SER A 45 -4.87 32.45 3.36
N TRP A 46 -4.09 31.38 3.38
CA TRP A 46 -3.93 30.59 2.17
C TRP A 46 -5.22 29.84 1.85
N GLN A 47 -6.18 29.87 2.77
CA GLN A 47 -7.54 29.45 2.49
C GLN A 47 -8.47 30.51 3.07
N LYS A 48 -9.66 30.64 2.52
CA LYS A 48 -10.67 31.56 3.04
C LYS A 48 -11.24 31.06 4.36
N SER A 49 -11.63 32.01 5.20
CA SER A 49 -12.20 31.72 6.49
C SER A 49 -13.72 31.52 6.42
N LEU A 50 -14.17 30.38 6.93
CA LEU A 50 -15.61 30.12 6.97
C LEU A 50 -16.32 31.01 7.98
N LEU A 51 -15.65 31.25 9.10
CA LEU A 51 -16.15 32.15 10.13
C LEU A 51 -16.36 33.54 9.55
N LYS A 52 -15.36 34.04 8.85
CA LYS A 52 -15.45 35.37 8.25
C LYS A 52 -16.54 35.40 7.17
N PHE A 53 -16.56 34.43 6.27
CA PHE A 53 -17.60 34.44 5.24
C PHE A 53 -18.97 34.54 5.93
N ALA A 54 -19.17 33.65 6.87
CA ALA A 54 -20.46 33.60 7.53
C ALA A 54 -20.83 34.93 8.18
N LEU A 55 -19.94 35.45 9.00
CA LEU A 55 -20.26 36.74 9.62
C LEU A 55 -20.48 37.82 8.58
N ASP A 56 -19.69 37.82 7.52
CA ASP A 56 -19.87 38.82 6.48
C ASP A 56 -21.28 38.72 5.86
N ASN A 57 -21.93 37.57 5.97
CA ASN A 57 -23.18 37.38 5.25
C ASN A 57 -24.38 37.15 6.19
N ASN A 58 -24.17 37.59 7.42
CA ASN A 58 -25.15 37.54 8.48
CA ASN A 58 -25.14 37.54 8.50
C ASN A 58 -25.68 36.12 8.65
N ILE A 59 -24.77 35.16 8.57
CA ILE A 59 -25.13 33.75 8.84
C ILE A 59 -24.69 33.48 10.26
N LYS A 60 -25.59 32.93 11.06
CA LYS A 60 -25.32 32.75 12.47
C LYS A 60 -24.34 31.62 12.76
N ILE A 61 -23.44 31.89 13.69
CA ILE A 61 -22.42 30.96 14.16
C ILE A 61 -23.04 30.21 15.31
N VAL A 62 -23.04 28.88 15.24
CA VAL A 62 -23.56 28.06 16.34
C VAL A 62 -22.57 26.96 16.76
N THR A 63 -22.95 26.25 17.83
CA THR A 63 -22.26 25.06 18.33
C THR A 63 -23.11 23.81 18.08
N LEU A 64 -22.47 22.67 18.22
CA LEU A 64 -23.20 21.45 17.94
C LEU A 64 -24.44 21.37 18.86
N ASP A 65 -24.30 21.77 20.11
CA ASP A 65 -25.43 21.70 21.08
C ASP A 65 -26.69 22.41 20.58
N GLU A 66 -26.52 23.54 19.93
CA GLU A 66 -27.62 24.39 19.54
C GLU A 66 -28.35 23.79 18.34
N ILE A 67 -27.74 22.82 17.68
CA ILE A 67 -28.44 22.27 16.54
C ILE A 67 -29.00 20.87 16.74
N TYR A 68 -28.58 20.18 17.78
CA TYR A 68 -29.07 18.81 17.95
C TYR A 68 -30.60 18.70 17.82
N ASN A 69 -31.29 19.67 18.43
CA ASN A 69 -32.72 19.62 18.44
C ASN A 69 -33.45 20.16 17.25
N ILE A 70 -32.73 20.55 16.20
CA ILE A 70 -33.45 21.08 15.05
C ILE A 70 -33.97 19.95 14.16
N GLU A 71 -35.28 19.77 14.16
CA GLU A 71 -35.83 18.74 13.31
C GLU A 71 -35.48 18.94 11.87
N GLN A 72 -35.13 17.84 11.24
CA GLN A 72 -34.93 17.79 9.81
C GLN A 72 -33.74 18.62 9.27
N ILE A 73 -32.93 19.16 10.16
CA ILE A 73 -31.77 19.92 9.67
C ILE A 73 -30.87 19.01 8.84
N ILE A 74 -30.37 19.56 7.74
CA ILE A 74 -29.22 19.00 7.02
C ILE A 74 -27.93 19.40 7.71
N PHE A 75 -27.19 18.41 8.21
CA PHE A 75 -25.86 18.66 8.77
C PHE A 75 -24.81 18.23 7.76
N PHE A 76 -23.94 19.17 7.37
CA PHE A 76 -23.02 18.90 6.26
C PHE A 76 -21.62 19.31 6.69
N SER A 77 -20.79 18.30 6.96
CA SER A 77 -19.39 18.46 7.34
C SER A 77 -18.48 18.58 6.11
N LEU A 78 -17.69 19.64 6.11
CA LEU A 78 -16.74 19.91 5.04
C LEU A 78 -15.46 20.30 5.71
N GLU A 79 -14.62 19.29 5.93
CA GLU A 79 -13.42 19.36 6.73
C GLU A 79 -13.64 19.80 8.15
N PHE A 80 -14.73 19.29 8.74
CA PHE A 80 -15.05 19.65 10.11
C PHE A 80 -14.17 18.87 11.05
N ASP A 81 -13.88 19.47 12.18
CA ASP A 81 -12.85 19.02 13.12
C ASP A 81 -13.37 18.21 14.29
N GLN A 82 -14.64 17.92 14.35
CA GLN A 82 -15.23 17.15 15.49
C GLN A 82 -15.88 15.88 14.99
N ILE A 83 -15.66 14.79 15.72
CA ILE A 83 -16.33 13.52 15.45
C ILE A 83 -17.73 13.60 16.08
N ILE A 84 -18.78 13.50 15.31
CA ILE A 84 -20.08 13.62 15.96
C ILE A 84 -20.63 12.23 16.39
N LYS A 85 -21.70 12.24 17.20
CA LYS A 85 -22.36 11.02 17.70
C LYS A 85 -23.79 11.20 17.28
N ILE A 86 -24.27 10.36 16.37
CA ILE A 86 -25.47 10.64 15.66
C ILE A 86 -26.71 10.63 16.56
N GLU A 87 -26.65 9.90 17.66
CA GLU A 87 -27.81 9.82 18.52
C GLU A 87 -28.06 11.14 19.22
N ASN A 88 -27.14 12.08 19.12
CA ASN A 88 -27.38 13.43 19.67
C ASN A 88 -28.40 14.19 18.89
N PHE A 89 -28.54 13.85 17.63
CA PHE A 89 -29.38 14.57 16.72
C PHE A 89 -30.77 14.01 16.54
N LYS A 90 -31.76 14.90 16.38
CA LYS A 90 -33.08 14.52 15.99
C LYS A 90 -33.06 14.12 14.56
N SER A 91 -32.29 14.86 13.75
CA SER A 91 -32.22 14.56 12.32
C SER A 91 -31.25 13.43 12.08
N ASP A 92 -31.54 12.68 11.04
CA ASP A 92 -30.66 11.65 10.55
C ASP A 92 -30.06 12.12 9.19
N ARG A 93 -30.15 13.41 8.88
CA ARG A 93 -29.66 13.87 7.57
C ARG A 93 -28.27 14.46 7.72
N LEU A 94 -27.31 13.57 7.99
CA LEU A 94 -25.94 13.93 8.38
C LEU A 94 -24.91 13.42 7.35
N PHE A 95 -24.14 14.36 6.79
CA PHE A 95 -23.33 14.11 5.61
C PHE A 95 -21.94 14.70 5.76
N ASN A 96 -21.02 14.10 5.04
CA ASN A 96 -19.60 14.46 5.09
C ASN A 96 -19.02 14.26 3.72
N ILE A 97 -18.03 15.08 3.36
CA ILE A 97 -17.21 14.82 2.23
C ILE A 97 -15.81 14.51 2.80
N HIS A 98 -15.39 13.30 2.50
CA HIS A 98 -14.08 12.79 2.96
C HIS A 98 -13.12 12.84 1.78
N PHE A 99 -11.90 13.29 2.07
CA PHE A 99 -10.87 13.42 1.04
C PHE A 99 -10.04 12.14 0.91
N SER A 100 -10.69 11.09 0.42
CA SER A 100 -10.00 9.93 -0.04
C SER A 100 -10.98 9.20 -0.92
N ALA A 101 -10.50 8.18 -1.62
CA ALA A 101 -11.34 7.24 -2.30
C ALA A 101 -11.74 6.11 -1.38
N LEU A 102 -12.83 6.31 -0.65
CA LEU A 102 -13.24 5.32 0.34
C LEU A 102 -13.56 4.02 -0.42
N PRO A 103 -13.29 2.84 0.20
CA PRO A 103 -13.01 2.69 1.63
C PRO A 103 -11.57 2.90 2.06
N LYS A 104 -10.67 3.17 1.12
CA LYS A 104 -9.28 3.40 1.47
C LYS A 104 -9.12 4.76 2.14
N TYR A 105 -8.13 4.84 3.03
CA TYR A 105 -7.64 6.08 3.66
C TYR A 105 -8.73 6.83 4.42
N LYS A 106 -9.44 6.12 5.29
CA LYS A 106 -10.16 6.73 6.37
C LYS A 106 -9.20 7.45 7.27
N GLY A 107 -9.72 8.32 8.13
CA GLY A 107 -8.95 9.03 9.10
C GLY A 107 -8.31 10.27 8.55
N VAL A 108 -7.07 10.57 8.95
CA VAL A 108 -6.52 11.90 8.81
C VAL A 108 -5.29 11.92 7.85
N PHE A 109 -4.83 13.13 7.62
CA PHE A 109 -3.61 13.33 6.84
C PHE A 109 -3.72 12.69 5.46
N THR A 110 -4.87 12.81 4.81
CA THR A 110 -5.16 12.07 3.58
C THR A 110 -4.49 12.66 2.33
N SER A 111 -3.85 13.80 2.49
CA SER A 111 -2.99 14.29 1.45
C SER A 111 -1.59 13.68 1.55
N ILE A 112 -1.27 13.06 2.70
CA ILE A 112 0.01 12.34 2.90
C ILE A 112 -0.13 10.85 2.61
N THR A 113 -1.11 10.22 3.25
CA THR A 113 -1.17 8.75 3.33
C THR A 113 -1.25 8.06 1.96
N PRO A 114 -2.00 8.61 0.98
CA PRO A 114 -2.05 7.84 -0.27
C PRO A 114 -0.73 7.93 -1.04
N ILE A 115 -0.03 9.04 -0.89
CA ILE A 115 1.22 9.20 -1.56
C ILE A 115 2.28 8.31 -0.92
N LEU A 116 2.38 8.34 0.40
CA LEU A 116 3.32 7.53 1.17
C LEU A 116 3.09 6.04 0.92
N ASN A 117 1.85 5.61 0.64
CA ASN A 117 1.57 4.23 0.37
C ASN A 117 1.47 4.01 -1.09
N ASN A 118 2.17 4.82 -1.90
CA ASN A 118 2.41 4.50 -3.31
C ASN A 118 1.23 4.47 -4.25
N GLU A 119 0.18 5.25 -3.96
CA GLU A 119 -1.00 5.26 -4.84
C GLU A 119 -0.80 6.12 -6.09
N LEU A 120 -1.47 5.75 -7.16
CA LEU A 120 -1.44 6.50 -8.40
C LEU A 120 -2.66 7.40 -8.57
N GLU A 121 -3.61 7.25 -7.66
CA GLU A 121 -4.84 8.00 -7.69
C GLU A 121 -5.37 8.17 -6.26
N SER A 122 -6.24 9.16 -6.11
CA SER A 122 -7.08 9.29 -4.94
C SER A 122 -8.48 9.69 -5.40
N GLY A 123 -9.26 10.27 -4.49
CA GLY A 123 -10.66 10.54 -4.77
C GLY A 123 -11.22 11.40 -3.67
N VAL A 124 -12.40 12.00 -3.93
CA VAL A 124 -13.24 12.52 -2.86
C VAL A 124 -14.52 11.70 -2.77
N THR A 125 -15.05 11.53 -1.56
CA THR A 125 -16.19 10.62 -1.35
C THR A 125 -17.23 11.32 -0.48
N LEU A 126 -18.42 11.50 -1.06
CA LEU A 126 -19.59 12.00 -0.29
C LEU A 126 -20.26 10.79 0.39
N HIS A 127 -20.45 10.84 1.69
CA HIS A 127 -21.07 9.72 2.43
C HIS A 127 -21.93 10.23 3.56
N ARG A 128 -22.82 9.36 4.04
CA ARG A 128 -23.52 9.58 5.25
C ARG A 128 -22.62 9.44 6.44
N ILE A 129 -22.86 10.26 7.45
CA ILE A 129 -22.07 10.13 8.67
C ILE A 129 -22.72 9.07 9.57
N ASP A 130 -21.95 8.08 10.04
CA ASP A 130 -22.43 7.25 11.14
C ASP A 130 -21.45 7.46 12.27
N ASN A 131 -21.47 6.63 13.30
CA ASN A 131 -20.66 6.93 14.46
C ASN A 131 -19.21 6.57 14.28
N GLY A 132 -18.84 5.89 13.22
CA GLY A 132 -17.42 5.61 13.00
C GLY A 132 -16.79 6.75 12.19
N ILE A 133 -15.48 6.70 12.13
CA ILE A 133 -14.74 7.72 11.38
C ILE A 133 -14.71 7.31 9.90
N ASP A 134 -15.43 8.05 9.07
CA ASP A 134 -15.43 7.90 7.61
C ASP A 134 -15.94 6.56 7.14
N THR A 135 -16.77 5.96 8.01
CA THR A 135 -17.33 4.63 7.78
C THR A 135 -18.67 4.53 7.10
N GLY A 136 -19.41 5.63 6.98
CA GLY A 136 -20.83 5.59 6.56
C GLY A 136 -21.05 5.32 5.10
N ASN A 137 -22.30 5.11 4.71
CA ASN A 137 -22.58 4.72 3.33
C ASN A 137 -22.22 5.75 2.28
N ILE A 138 -21.60 5.32 1.20
CA ILE A 138 -21.12 6.17 0.14
C ILE A 138 -22.32 6.57 -0.74
N ILE A 139 -22.44 7.87 -0.94
CA ILE A 139 -23.47 8.41 -1.85
C ILE A 139 -22.88 8.71 -3.22
N ASP A 140 -21.66 9.25 -3.29
CA ASP A 140 -20.98 9.49 -4.58
C ASP A 140 -19.47 9.53 -4.34
N GLN A 141 -18.71 9.35 -5.41
CA GLN A 141 -17.27 9.41 -5.35
C GLN A 141 -16.71 9.89 -6.67
N HIS A 142 -15.68 10.73 -6.58
CA HIS A 142 -14.97 11.13 -7.77
C HIS A 142 -13.48 10.85 -7.58
N CYS A 143 -12.91 10.06 -8.49
CA CYS A 143 -11.53 9.59 -8.43
C CYS A 143 -10.76 10.47 -9.41
N PHE A 144 -9.50 10.76 -9.07
CA PHE A 144 -8.63 11.50 -9.96
C PHE A 144 -7.17 11.09 -9.73
N PRO A 145 -6.27 11.45 -10.66
CA PRO A 145 -4.88 11.03 -10.52
C PRO A 145 -4.07 11.79 -9.51
N ILE A 146 -3.20 11.02 -8.87
CA ILE A 146 -2.00 11.60 -8.27
C ILE A 146 -0.90 11.58 -9.31
N ASP A 147 -0.57 12.75 -9.85
CA ASP A 147 0.44 12.79 -10.88
C ASP A 147 1.78 12.45 -10.24
N ILE A 148 2.67 11.91 -11.06
CA ILE A 148 3.92 11.40 -10.55
C ILE A 148 4.70 12.38 -9.71
N ASN A 149 4.65 13.69 -9.99
CA ASN A 149 5.40 14.61 -9.14
C ASN A 149 4.57 15.49 -8.25
N ASP A 150 3.26 15.18 -8.13
CA ASP A 150 2.36 15.89 -7.23
C ASP A 150 2.94 15.81 -5.86
N THR A 151 2.85 16.91 -5.13
CA THR A 151 3.16 16.87 -3.71
C THR A 151 1.87 16.69 -2.88
N ALA A 152 1.98 16.56 -1.56
CA ALA A 152 0.81 16.52 -0.64
C ALA A 152 -0.02 17.79 -0.81
N ARG A 153 0.66 18.92 -0.94
CA ARG A 153 -0.03 20.20 -1.15
C ARG A 153 -0.86 20.20 -2.43
N ASP A 154 -0.31 19.72 -3.56
CA ASP A 154 -1.01 19.62 -4.82
C ASP A 154 -2.22 18.71 -4.68
N LEU A 155 -1.98 17.58 -4.00
CA LEU A 155 -3.09 16.66 -3.76
C LEU A 155 -4.26 17.34 -2.99
N TYR A 156 -3.92 18.05 -1.94
CA TYR A 156 -4.88 18.73 -1.13
C TYR A 156 -5.68 19.73 -1.95
N PHE A 157 -5.01 20.50 -2.80
CA PHE A 157 -5.74 21.47 -3.59
C PHE A 157 -6.63 20.78 -4.61
N ASN A 158 -6.24 19.59 -5.02
CA ASN A 158 -7.15 18.83 -5.83
C ASN A 158 -8.35 18.33 -5.01
N TYR A 159 -8.13 17.93 -3.77
CA TYR A 159 -9.29 17.52 -2.95
C TYR A 159 -10.30 18.69 -2.81
N LEU A 160 -9.80 19.91 -2.59
CA LEU A 160 -10.70 21.04 -2.32
C LEU A 160 -11.54 21.31 -3.55
N LYS A 161 -10.91 21.22 -4.72
CA LYS A 161 -11.57 21.45 -6.01
C LYS A 161 -12.61 20.36 -6.34
N TYR A 162 -12.19 19.09 -6.30
CA TYR A 162 -13.10 18.03 -6.63
C TYR A 162 -14.20 17.90 -5.54
N GLY A 163 -13.83 18.26 -4.32
CA GLY A 163 -14.71 18.22 -3.17
C GLY A 163 -15.83 19.25 -3.32
N GLU A 164 -15.45 20.45 -3.69
CA GLU A 164 -16.44 21.46 -4.01
C GLU A 164 -17.36 20.92 -5.11
N SER A 165 -16.81 20.34 -6.17
CA SER A 165 -17.64 19.90 -7.30
CA SER A 165 -17.63 19.92 -7.30
C SER A 165 -18.61 18.82 -6.89
N ILE A 166 -18.17 17.87 -6.09
CA ILE A 166 -19.09 16.77 -5.76
C ILE A 166 -20.18 17.25 -4.85
N PHE A 167 -19.90 18.25 -4.03
CA PHE A 167 -20.93 18.89 -3.23
C PHE A 167 -22.02 19.47 -4.15
N LYS A 168 -21.60 20.25 -5.15
CA LYS A 168 -22.51 20.91 -6.07
C LYS A 168 -23.30 19.87 -6.85
N LYS A 169 -22.67 18.77 -7.20
CA LYS A 169 -23.33 17.77 -8.02
C LYS A 169 -24.46 17.12 -7.25
N ASN A 170 -24.29 16.96 -5.94
CA ASN A 170 -25.17 16.10 -5.17
C ASN A 170 -26.18 16.78 -4.24
N ILE A 171 -25.96 18.08 -4.01
CA ILE A 171 -26.61 18.76 -2.93
C ILE A 171 -28.14 18.84 -3.09
N GLN A 172 -28.64 18.94 -4.32
CA GLN A 172 -30.09 19.04 -4.50
C GLN A 172 -30.77 17.75 -4.03
N THR A 173 -30.17 16.60 -4.41
CA THR A 173 -30.74 15.29 -4.03
C THR A 173 -30.63 15.11 -2.54
N ILE A 174 -29.66 15.77 -1.94
CA ILE A 174 -29.60 15.73 -0.50
C ILE A 174 -30.69 16.56 0.16
N ILE A 175 -30.91 17.75 -0.39
CA ILE A 175 -32.01 18.59 0.07
C ILE A 175 -33.35 17.86 -0.10
N ASN A 176 -33.54 17.23 -1.24
CA ASN A 176 -34.80 16.54 -1.52
C ASN A 176 -34.83 15.12 -0.96
N ASN A 177 -33.74 14.74 -0.29
CA ASN A 177 -33.58 13.42 0.31
C ASN A 177 -33.95 12.30 -0.65
N SER A 178 -33.53 12.42 -1.88
CA SER A 178 -33.78 11.47 -2.95
C SER A 178 -32.47 10.78 -3.38
N TYR A 179 -31.41 10.98 -2.62
CA TYR A 179 -30.11 10.38 -2.99
C TYR A 179 -30.14 8.88 -2.69
N LYS A 180 -29.17 8.17 -3.26
CA LYS A 180 -28.97 6.75 -2.99
C LYS A 180 -27.58 6.51 -2.43
N ASP A 181 -27.46 5.44 -1.64
CA ASP A 181 -26.15 5.09 -1.12
C ASP A 181 -25.89 3.59 -1.03
N LEU A 182 -24.65 3.23 -0.71
CA LEU A 182 -24.26 1.83 -0.64
C LEU A 182 -23.34 1.71 0.56
N LYS A 183 -23.50 0.68 1.39
CA LYS A 183 -22.57 0.51 2.47
C LYS A 183 -21.15 0.23 1.97
N GLN A 184 -20.16 0.54 2.81
CA GLN A 184 -18.78 0.34 2.42
C GLN A 184 -18.39 -1.14 2.65
N THR A 185 -17.48 -1.64 1.81
CA THR A 185 -16.92 -3.01 1.97
C THR A 185 -15.92 -3.10 3.12
N ASN A 186 -15.75 -4.31 3.63
CA ASN A 186 -14.70 -4.55 4.60
C ASN A 186 -13.35 -4.59 3.88
N ILE A 187 -13.33 -5.08 2.65
CA ILE A 187 -12.04 -5.26 2.00
C ILE A 187 -11.61 -3.92 1.42
N ASN A 188 -10.30 -3.77 1.35
CA ASN A 188 -9.67 -2.48 0.98
C ASN A 188 -9.81 -1.31 1.95
N SER A 189 -10.52 -1.51 3.04
CA SER A 189 -10.70 -0.45 4.01
C SER A 189 -9.40 -0.24 4.78
N SER A 190 -8.95 1.00 4.83
CA SER A 190 -7.75 1.37 5.59
C SER A 190 -7.98 2.67 6.33
N TYR A 191 -7.18 2.88 7.35
CA TYR A 191 -7.35 3.98 8.24
C TYR A 191 -6.05 4.45 8.73
N PHE A 192 -5.89 5.78 8.84
CA PHE A 192 -4.71 6.34 9.51
C PHE A 192 -5.10 7.38 10.51
N SER A 193 -4.49 7.31 11.69
CA SER A 193 -4.76 8.30 12.73
C SER A 193 -3.47 9.09 12.94
N ARG A 194 -3.54 10.13 13.77
CA ARG A 194 -2.47 11.12 13.89
C ARG A 194 -1.20 10.46 14.32
N LYS A 195 -1.33 9.56 15.27
CA LYS A 195 -0.17 8.85 15.77
C LYS A 195 0.46 7.97 14.70
N ASP A 196 -0.19 7.64 13.60
CA ASP A 196 0.49 6.78 12.64
C ASP A 196 1.47 7.57 11.79
N ILE A 197 1.43 8.90 11.82
CA ILE A 197 2.26 9.66 10.89
C ILE A 197 3.17 10.60 11.66
N ASN A 198 4.48 10.42 11.46
CA ASN A 198 5.43 11.34 11.98
C ASN A 198 5.66 12.43 10.94
N LEU A 199 5.15 13.61 11.27
CA LEU A 199 5.20 14.74 10.34
C LEU A 199 6.63 15.20 10.10
N VAL A 200 7.57 14.78 10.95
CA VAL A 200 8.99 15.01 10.68
C VAL A 200 9.53 13.74 10.09
N HIS A 201 9.43 13.60 8.79
CA HIS A 201 9.63 12.29 8.22
C HIS A 201 11.11 11.97 8.09
N LYS A 202 11.50 10.78 8.54
CA LYS A 202 12.87 10.30 8.32
C LYS A 202 12.93 9.33 7.14
N ILE A 203 13.55 9.77 6.05
CA ILE A 203 13.54 9.04 4.78
C ILE A 203 14.30 7.70 4.94
N ASN A 204 13.72 6.62 4.41
CA ASN A 204 14.37 5.34 4.31
C ASN A 204 14.86 5.29 2.88
N PHE A 205 16.19 5.32 2.72
CA PHE A 205 16.79 5.31 1.40
C PHE A 205 17.02 3.93 0.81
N LYS A 206 16.92 2.90 1.64
CA LYS A 206 16.97 1.49 1.18
C LYS A 206 15.59 1.01 0.68
N LYS A 207 15.15 1.72 -0.34
CA LYS A 207 13.89 1.61 -1.01
C LYS A 207 14.08 1.88 -2.48
N THR A 208 13.01 1.71 -3.24
CA THR A 208 13.08 2.05 -4.64
C THR A 208 13.08 3.58 -4.88
N SER A 209 13.47 4.03 -6.08
CA SER A 209 13.42 5.45 -6.34
C SER A 209 11.97 5.99 -6.17
N PHE A 210 11.00 5.21 -6.68
CA PHE A 210 9.58 5.53 -6.57
C PHE A 210 9.22 5.75 -5.10
N GLU A 211 9.66 4.87 -4.21
CA GLU A 211 9.33 5.01 -2.81
C GLU A 211 10.07 6.16 -2.17
N ILE A 212 11.32 6.39 -2.56
CA ILE A 212 12.04 7.47 -1.93
C ILE A 212 11.41 8.81 -2.28
N HIS A 213 11.11 9.00 -3.56
CA HIS A 213 10.39 10.15 -4.13
C HIS A 213 9.05 10.32 -3.42
N ASN A 214 8.34 9.21 -3.30
CA ASN A 214 7.07 9.27 -2.60
C ASN A 214 7.22 9.71 -1.17
N GLN A 215 8.19 9.21 -0.44
CA GLN A 215 8.45 9.70 0.90
C GLN A 215 8.70 11.18 1.00
N ILE A 216 9.58 11.68 0.14
CA ILE A 216 9.75 13.12 0.01
C ILE A 216 8.44 13.87 -0.26
N ARG A 217 7.78 13.60 -1.38
CA ARG A 217 6.74 14.50 -1.80
C ARG A 217 5.48 14.40 -0.94
N ALA A 218 5.30 13.24 -0.33
CA ALA A 218 4.19 13.10 0.61
C ALA A 218 4.21 14.11 1.77
N PHE A 219 5.37 14.68 2.09
CA PHE A 219 5.55 15.62 3.20
C PHE A 219 5.78 17.06 2.80
N ILE A 220 5.72 17.31 1.49
CA ILE A 220 5.85 18.67 0.95
C ILE A 220 4.51 19.38 1.04
N PHE A 221 4.40 20.23 2.04
CA PHE A 221 3.19 21.05 2.24
C PHE A 221 3.63 22.25 3.06
N GLN A 222 4.10 23.26 2.35
CA GLN A 222 5.00 24.25 2.91
C GLN A 222 4.35 25.02 4.06
N GLU A 223 3.04 25.24 3.93
CA GLU A 223 2.25 25.89 4.98
C GLU A 223 2.41 25.22 6.31
N TYR A 224 2.79 23.94 6.30
CA TYR A 224 2.99 23.16 7.52
C TYR A 224 4.43 22.75 7.70
N GLN A 225 4.96 22.02 6.73
CA GLN A 225 6.34 21.57 6.80
C GLN A 225 6.87 21.19 5.44
N LEU A 226 8.18 21.05 5.39
CA LEU A 226 8.86 20.46 4.24
C LEU A 226 9.83 19.40 4.75
N PRO A 227 9.98 18.30 3.99
CA PRO A 227 10.91 17.29 4.46
C PRO A 227 12.35 17.83 4.37
N ILE A 228 13.21 17.35 5.24
CA ILE A 228 14.56 17.82 5.36
C ILE A 228 15.57 16.71 5.03
N ILE A 229 16.57 17.04 4.23
CA ILE A 229 17.66 16.12 3.90
C ILE A 229 18.91 16.93 4.21
N ASN A 230 19.81 16.34 5.01
CA ASN A 230 21.00 17.03 5.52
C ASN A 230 20.73 18.46 5.86
N ASN A 231 19.82 18.71 6.78
CA ASN A 231 19.56 20.13 7.07
C ASN A 231 19.11 21.07 5.96
N SER A 232 18.78 20.62 4.75
CA SER A 232 18.14 21.49 3.77
C SER A 232 16.69 21.09 3.60
N LYS A 233 15.78 22.06 3.58
CA LYS A 233 14.40 21.77 3.27
C LYS A 233 14.24 21.51 1.79
N ILE A 234 13.39 20.55 1.47
CA ILE A 234 13.07 20.16 0.08
C ILE A 234 11.70 20.68 -0.39
N ILE A 235 11.65 21.34 -1.55
CA ILE A 235 10.42 21.96 -2.06
C ILE A 235 9.80 21.20 -3.21
N LYS A 236 10.57 20.34 -3.90
CA LYS A 236 10.03 19.64 -5.04
C LYS A 236 10.89 18.40 -5.26
N SER A 237 10.22 17.29 -5.57
CA SER A 237 10.86 16.05 -5.98
C SER A 237 10.47 15.66 -7.40
N ILE A 238 11.46 15.37 -8.25
CA ILE A 238 11.17 15.00 -9.62
C ILE A 238 11.73 13.61 -9.83
N LEU A 239 10.89 12.68 -10.28
CA LEU A 239 11.30 11.29 -10.56
C LEU A 239 11.27 11.07 -12.06
N ALA A 240 12.37 10.56 -12.62
CA ALA A 240 12.51 10.30 -14.04
C ALA A 240 12.74 8.80 -14.25
N ASN A 241 12.51 8.32 -15.46
CA ASN A 241 12.88 6.93 -15.63
C ASN A 241 14.25 6.69 -16.25
N GLU A 242 15.14 7.66 -16.06
CA GLU A 242 16.53 7.50 -16.36
C GLU A 242 17.29 6.72 -15.27
N PHE A 243 17.97 5.67 -15.72
CA PHE A 243 18.78 4.85 -14.84
C PHE A 243 20.14 5.45 -14.55
N ILE A 244 20.47 5.64 -13.29
CA ILE A 244 21.71 6.32 -13.02
C ILE A 244 22.60 5.54 -12.10
N GLY A 245 22.39 4.23 -11.98
CA GLY A 245 23.06 3.47 -10.93
C GLY A 245 22.23 3.34 -9.65
N TYR A 246 22.48 2.28 -8.88
CA TYR A 246 21.72 1.96 -7.67
C TYR A 246 22.25 2.81 -6.56
N ASN A 247 21.37 3.31 -5.69
CA ASN A 247 21.77 3.88 -4.42
C ASN A 247 22.69 5.10 -4.53
N VAL A 248 22.39 5.94 -5.50
CA VAL A 248 23.05 7.23 -5.60
C VAL A 248 22.50 8.20 -4.57
N PHE A 249 23.45 8.93 -3.97
CA PHE A 249 23.15 10.10 -3.16
C PHE A 249 24.28 11.15 -3.30
N GLU A 250 24.00 12.25 -3.97
CA GLU A 250 24.92 13.36 -4.10
C GLU A 250 24.22 14.69 -3.80
N GLU A 251 24.86 15.49 -2.94
CA GLU A 251 24.35 16.80 -2.60
C GLU A 251 25.06 17.90 -3.40
N PHE A 252 24.30 18.79 -4.01
CA PHE A 252 24.79 19.98 -4.70
C PHE A 252 24.20 21.18 -3.97
N GLU A 253 24.52 22.38 -4.43
CA GLU A 253 24.12 23.59 -3.71
C GLU A 253 22.58 23.76 -3.75
N ASN A 254 21.97 23.42 -4.86
CA ASN A 254 20.58 23.70 -5.04
C ASN A 254 19.65 22.48 -5.07
N TYR A 255 20.22 21.29 -5.00
CA TYR A 255 19.45 20.06 -5.12
C TYR A 255 20.31 18.86 -4.68
N PHE A 256 19.65 17.70 -4.57
CA PHE A 256 20.28 16.41 -4.39
C PHE A 256 19.96 15.57 -5.61
N ILE A 257 20.87 14.70 -5.97
CA ILE A 257 20.59 13.68 -6.97
C ILE A 257 20.56 12.37 -6.19
N ILE A 258 19.49 11.62 -6.38
CA ILE A 258 19.29 10.40 -5.53
C ILE A 258 18.72 9.32 -6.42
N SER A 259 19.11 8.08 -6.15
CA SER A 259 18.48 6.92 -6.72
C SER A 259 18.38 5.92 -5.57
N GLY A 260 17.32 5.09 -5.66
CA GLY A 260 17.18 4.00 -4.72
C GLY A 260 17.68 2.68 -5.31
N ILE A 261 17.16 1.57 -4.82
CA ILE A 261 17.64 0.25 -5.13
C ILE A 261 17.44 -0.21 -6.56
N ASP A 262 16.50 0.44 -7.27
CA ASP A 262 16.34 0.19 -8.65
C ASP A 262 16.96 1.27 -9.54
N GLY A 263 17.64 2.25 -8.93
CA GLY A 263 18.51 3.19 -9.69
C GLY A 263 17.95 4.29 -10.56
N PHE A 264 16.71 4.70 -10.35
CA PHE A 264 16.08 5.72 -11.19
C PHE A 264 16.32 7.05 -10.56
N LYS A 265 16.55 8.01 -11.44
CA LYS A 265 16.96 9.33 -11.03
C LYS A 265 15.87 10.16 -10.39
N ILE A 266 16.19 10.63 -9.21
CA ILE A 266 15.38 11.62 -8.48
C ILE A 266 16.22 12.91 -8.41
N ILE A 267 15.57 14.03 -8.69
CA ILE A 267 16.09 15.33 -8.28
C ILE A 267 15.29 15.95 -7.15
N ALA A 268 15.87 16.11 -5.98
CA ALA A 268 15.21 16.75 -4.84
C ALA A 268 15.73 18.19 -4.76
N GLN A 269 14.86 19.12 -5.11
CA GLN A 269 15.13 20.55 -5.13
C GLN A 269 15.02 21.19 -3.78
N LYS A 270 16.10 21.89 -3.42
CA LYS A 270 16.18 22.53 -2.12
C LYS A 270 15.33 23.77 -2.18
N LEU A 271 14.59 24.01 -1.12
CA LEU A 271 13.95 25.31 -0.98
C LEU A 271 14.97 26.43 -1.11
N ASN A 272 14.61 27.37 -1.96
CA ASN A 272 15.18 28.72 -1.93
C ASN A 272 15.00 29.49 -0.61
N GLY B 1 28.70 -25.29 -26.36
CA GLY B 1 29.93 -26.10 -26.59
C GLY B 1 30.59 -26.64 -25.34
N HIS B 2 30.18 -26.13 -24.18
CA HIS B 2 30.60 -26.74 -22.91
C HIS B 2 29.73 -27.96 -22.50
N MET B 3 30.30 -28.84 -21.69
CA MET B 3 29.60 -30.02 -21.19
C MET B 3 28.42 -29.68 -20.26
N ILE B 4 28.67 -28.79 -19.30
CA ILE B 4 27.62 -28.22 -18.42
C ILE B 4 26.71 -27.20 -19.10
N LYS B 5 25.42 -27.54 -19.21
CA LYS B 5 24.46 -26.65 -19.84
C LYS B 5 23.63 -25.78 -18.89
N ILE B 6 23.48 -26.18 -17.63
CA ILE B 6 22.51 -25.47 -16.77
C ILE B 6 22.90 -25.63 -15.32
N CYS B 7 22.72 -24.59 -14.51
CA CYS B 7 22.90 -24.65 -13.06
C CYS B 7 21.59 -24.22 -12.42
N ILE B 8 21.08 -25.05 -11.52
CA ILE B 8 19.96 -24.67 -10.68
C ILE B 8 20.49 -24.31 -9.31
N ALA B 9 20.24 -23.08 -8.88
CA ALA B 9 20.76 -22.56 -7.61
C ALA B 9 19.52 -22.17 -6.80
N GLY B 10 19.48 -22.58 -5.54
CA GLY B 10 18.38 -22.26 -4.67
C GLY B 10 17.88 -23.44 -3.85
N LYS B 11 16.58 -23.45 -3.58
CA LYS B 11 16.07 -24.31 -2.51
C LYS B 11 14.58 -24.61 -2.67
N ASN B 12 14.15 -25.55 -1.83
CA ASN B 12 12.74 -25.87 -1.62
C ASN B 12 12.11 -26.60 -2.82
N ASN B 13 10.81 -26.82 -2.74
CA ASN B 13 10.11 -27.58 -3.78
C ASN B 13 10.30 -27.02 -5.17
N ILE B 14 10.34 -25.71 -5.25
CA ILE B 14 10.41 -25.07 -6.59
C ILE B 14 11.70 -25.47 -7.30
N ALA B 15 12.78 -25.50 -6.54
CA ALA B 15 14.10 -25.79 -7.11
C ALA B 15 14.20 -27.27 -7.54
N VAL B 16 13.78 -28.12 -6.61
CA VAL B 16 13.84 -29.55 -6.77
C VAL B 16 12.94 -29.98 -7.92
N ASN B 17 11.70 -29.53 -7.94
CA ASN B 17 10.78 -29.97 -8.98
C ASN B 17 11.11 -29.42 -10.35
N SER B 18 11.66 -28.20 -10.38
CA SER B 18 12.08 -27.59 -11.63
C SER B 18 13.24 -28.43 -12.19
N LEU B 19 14.16 -28.78 -11.32
CA LEU B 19 15.31 -29.62 -11.66
C LEU B 19 14.85 -31.01 -12.20
N GLN B 20 13.79 -31.53 -11.60
CA GLN B 20 13.25 -32.81 -12.01
C GLN B 20 12.62 -32.69 -13.40
N PHE B 21 11.92 -31.61 -13.66
CA PHE B 21 11.40 -31.32 -14.97
C PHE B 21 12.55 -31.27 -16.01
N ILE B 22 13.67 -30.63 -15.70
CA ILE B 22 14.71 -30.53 -16.75
C ILE B 22 15.40 -31.88 -17.01
N LEU B 23 15.73 -32.58 -15.93
CA LEU B 23 16.25 -33.95 -15.98
C LEU B 23 15.33 -34.89 -16.76
N LYS B 24 14.05 -34.65 -16.74
CA LYS B 24 13.10 -35.51 -17.44
C LYS B 24 12.98 -35.09 -18.88
N ASN B 25 12.85 -33.80 -19.12
CA ASN B 25 12.56 -33.34 -20.45
C ASN B 25 13.71 -32.76 -21.28
N TYR B 26 14.84 -32.44 -20.66
CA TYR B 26 15.77 -31.52 -21.32
C TYR B 26 17.25 -31.88 -21.24
N PHE B 27 17.77 -32.28 -20.09
CA PHE B 27 19.22 -32.49 -19.93
C PHE B 27 19.46 -33.74 -19.11
N GLU B 28 20.58 -34.44 -19.39
CA GLU B 28 21.02 -35.60 -18.64
C GLU B 28 21.62 -35.05 -17.39
N ALA B 29 21.79 -35.89 -16.36
CA ALA B 29 22.36 -35.44 -15.11
C ALA B 29 23.75 -34.83 -15.26
N ASP B 30 24.55 -35.35 -16.18
CA ASP B 30 25.93 -34.85 -16.27
C ASP B 30 26.03 -33.52 -17.04
N GLN B 31 24.90 -33.00 -17.54
CA GLN B 31 24.91 -31.67 -18.13
C GLN B 31 24.32 -30.62 -17.17
N ILE B 32 24.18 -31.00 -15.89
CA ILE B 32 23.48 -30.17 -14.89
C ILE B 32 24.36 -30.03 -13.66
N VAL B 33 24.38 -28.83 -13.07
CA VAL B 33 25.00 -28.62 -11.75
C VAL B 33 24.06 -27.82 -10.82
N VAL B 34 24.26 -27.92 -9.52
CA VAL B 34 23.41 -27.21 -8.57
C VAL B 34 24.23 -26.51 -7.51
N ILE B 35 23.70 -25.38 -7.06
CA ILE B 35 24.19 -24.67 -5.92
C ILE B 35 23.07 -24.52 -4.90
N PRO B 36 23.08 -25.41 -3.90
CA PRO B 36 22.11 -25.28 -2.82
C PRO B 36 22.42 -24.06 -1.96
N ASN B 37 21.40 -23.61 -1.24
CA ASN B 37 21.56 -22.50 -0.35
C ASN B 37 22.37 -22.93 0.82
N LYS B 38 22.91 -21.92 1.48
CA LYS B 38 23.85 -22.16 2.58
C LYS B 38 23.24 -22.95 3.74
N ASN B 39 22.00 -22.66 4.08
CA ASN B 39 21.34 -23.37 5.16
C ASN B 39 20.70 -24.71 4.76
N ASP B 40 20.92 -25.18 3.53
CA ASP B 40 20.39 -26.46 3.07
C ASP B 40 21.18 -27.58 3.77
N LYS B 41 20.54 -28.31 4.66
CA LYS B 41 21.25 -29.35 5.37
C LYS B 41 21.04 -30.73 4.74
N GLY B 42 20.35 -30.85 3.61
CA GLY B 42 20.24 -32.14 2.95
C GLY B 42 19.11 -33.01 3.51
N ILE B 43 18.19 -32.40 4.24
CA ILE B 43 17.10 -33.10 4.93
C ILE B 43 15.75 -32.77 4.36
N ASP B 44 15.05 -33.74 3.84
CA ASP B 44 13.66 -33.52 3.48
C ASP B 44 12.77 -33.24 4.67
N SER B 45 12.02 -32.14 4.62
CA SER B 45 11.12 -31.81 5.72
CA SER B 45 11.15 -31.76 5.71
C SER B 45 9.82 -31.23 5.19
N TRP B 46 9.41 -30.03 5.64
CA TRP B 46 8.15 -29.49 5.11
C TRP B 46 8.41 -28.97 3.70
N GLN B 47 9.68 -28.82 3.34
CA GLN B 47 10.05 -28.74 1.95
C GLN B 47 11.09 -29.82 1.50
N LYS B 48 11.14 -30.12 0.22
CA LYS B 48 12.21 -30.97 -0.36
C LYS B 48 13.55 -30.24 -0.35
N SER B 49 14.63 -30.98 -0.16
CA SER B 49 15.98 -30.42 -0.16
C SER B 49 16.69 -30.56 -1.51
N LEU B 50 17.21 -29.45 -2.00
CA LEU B 50 17.90 -29.49 -3.29
C LEU B 50 19.19 -30.28 -3.19
N LEU B 51 19.92 -30.07 -2.09
CA LEU B 51 21.12 -30.79 -1.83
C LEU B 51 20.85 -32.29 -1.80
N LYS B 52 19.81 -32.71 -1.08
CA LYS B 52 19.48 -34.16 -1.06
C LYS B 52 19.09 -34.73 -2.42
N PHE B 53 18.28 -34.03 -3.18
CA PHE B 53 17.92 -34.52 -4.49
C PHE B 53 19.16 -34.69 -5.39
N ALA B 54 20.04 -33.71 -5.31
CA ALA B 54 21.25 -33.70 -6.12
C ALA B 54 22.12 -34.90 -5.77
N LEU B 55 22.44 -35.08 -4.49
CA LEU B 55 23.09 -36.30 -4.03
C LEU B 55 22.33 -37.56 -4.46
N ASP B 56 21.04 -37.67 -4.16
CA ASP B 56 20.29 -38.85 -4.57
C ASP B 56 20.45 -39.13 -6.06
N ASN B 57 20.43 -38.09 -6.89
CA ASN B 57 20.40 -38.26 -8.33
C ASN B 57 21.77 -37.99 -9.01
N ASN B 58 22.85 -38.00 -8.24
CA ASN B 58 24.20 -37.85 -8.79
C ASN B 58 24.40 -36.61 -9.68
N ILE B 59 23.83 -35.49 -9.24
CA ILE B 59 24.05 -34.19 -9.84
C ILE B 59 25.09 -33.46 -9.03
N LYS B 60 26.11 -32.93 -9.71
CA LYS B 60 27.24 -32.29 -9.03
C LYS B 60 26.84 -30.99 -8.34
N ILE B 61 27.30 -30.85 -7.08
CA ILE B 61 27.15 -29.69 -6.25
C ILE B 61 28.35 -28.81 -6.57
N VAL B 62 28.11 -27.57 -6.98
CA VAL B 62 29.20 -26.64 -7.21
C VAL B 62 29.05 -25.31 -6.45
N THR B 63 30.03 -24.45 -6.64
CA THR B 63 29.94 -23.06 -6.15
C THR B 63 29.81 -22.09 -7.33
N LEU B 64 29.47 -20.83 -7.03
CA LEU B 64 29.46 -19.80 -8.07
C LEU B 64 30.79 -19.74 -8.81
N ASP B 65 31.89 -19.76 -8.04
CA ASP B 65 33.24 -19.67 -8.63
C ASP B 65 33.46 -20.68 -9.73
N GLU B 66 32.91 -21.86 -9.55
CA GLU B 66 33.14 -22.95 -10.47
C GLU B 66 32.32 -22.77 -11.70
N ILE B 67 31.30 -21.93 -11.69
CA ILE B 67 30.55 -21.81 -12.92
C ILE B 67 30.79 -20.53 -13.71
N TYR B 68 31.51 -19.60 -13.13
CA TYR B 68 31.63 -18.24 -13.74
C TYR B 68 32.24 -18.30 -15.14
N ASN B 69 33.11 -19.26 -15.39
CA ASN B 69 33.72 -19.35 -16.70
C ASN B 69 33.08 -20.30 -17.68
N ILE B 70 31.91 -20.82 -17.35
CA ILE B 70 31.28 -21.72 -18.29
C ILE B 70 30.50 -20.92 -19.27
N GLU B 71 30.99 -20.96 -20.49
CA GLU B 71 30.33 -20.23 -21.54
C GLU B 71 28.98 -20.83 -21.83
N GLN B 72 28.05 -19.92 -22.05
CA GLN B 72 26.71 -20.24 -22.45
C GLN B 72 25.92 -21.01 -21.37
N ILE B 73 26.48 -21.20 -20.16
CA ILE B 73 25.70 -21.82 -19.11
C ILE B 73 24.40 -21.04 -18.85
N ILE B 74 23.31 -21.80 -18.68
CA ILE B 74 22.06 -21.23 -18.18
C ILE B 74 22.08 -21.24 -16.67
N PHE B 75 21.98 -20.08 -16.04
CA PHE B 75 21.99 -20.02 -14.57
C PHE B 75 20.59 -19.71 -14.08
N PHE B 76 20.03 -20.54 -13.23
CA PHE B 76 18.66 -20.31 -12.81
C PHE B 76 18.55 -20.27 -11.31
N SER B 77 18.09 -19.15 -10.77
CA SER B 77 17.96 -18.94 -9.33
C SER B 77 16.51 -19.23 -9.01
N LEU B 78 16.31 -20.13 -8.09
CA LEU B 78 14.98 -20.47 -7.60
C LEU B 78 15.12 -20.44 -6.07
N GLU B 79 14.84 -19.28 -5.47
CA GLU B 79 15.01 -18.99 -4.04
C GLU B 79 16.43 -19.12 -3.60
N PHE B 80 17.34 -18.71 -4.49
CA PHE B 80 18.75 -18.71 -4.17
C PHE B 80 19.07 -17.61 -3.20
N ASP B 81 20.06 -17.86 -2.34
CA ASP B 81 20.40 -16.95 -1.24
C ASP B 81 21.53 -15.95 -1.51
N GLN B 82 22.17 -16.00 -2.67
CA GLN B 82 23.27 -15.07 -2.93
C GLN B 82 22.86 -14.07 -3.99
N ILE B 83 23.18 -12.81 -3.73
CA ILE B 83 23.06 -11.75 -4.73
C ILE B 83 24.26 -11.92 -5.69
N ILE B 84 24.08 -12.17 -6.97
CA ILE B 84 25.24 -12.33 -7.85
C ILE B 84 25.67 -11.00 -8.45
N LYS B 85 26.84 -11.01 -9.09
CA LYS B 85 27.35 -9.87 -9.85
C LYS B 85 27.57 -10.38 -11.27
N ILE B 86 26.92 -9.78 -12.24
CA ILE B 86 26.81 -10.40 -13.52
C ILE B 86 28.18 -10.36 -14.24
N GLU B 87 29.03 -9.40 -13.83
CA GLU B 87 30.34 -9.27 -14.49
C GLU B 87 31.25 -10.39 -14.10
N ASN B 88 30.93 -11.12 -13.02
CA ASN B 88 31.68 -12.35 -12.78
C ASN B 88 31.49 -13.42 -13.81
N PHE B 89 30.38 -13.40 -14.53
CA PHE B 89 30.01 -14.47 -15.44
C PHE B 89 30.39 -14.20 -16.88
N LYS B 90 30.79 -15.23 -17.60
CA LYS B 90 31.01 -15.14 -19.03
C LYS B 90 29.64 -15.18 -19.66
N SER B 91 28.79 -16.10 -19.21
CA SER B 91 27.40 -16.18 -19.67
C SER B 91 26.59 -14.94 -19.31
N ASP B 92 25.65 -14.59 -20.18
CA ASP B 92 24.65 -13.61 -19.87
C ASP B 92 23.27 -14.27 -19.78
N ARG B 93 23.25 -15.58 -19.62
CA ARG B 93 21.98 -16.32 -19.61
C ARG B 93 21.58 -16.58 -18.16
N LEU B 94 21.23 -15.50 -17.46
CA LEU B 94 21.11 -15.56 -15.99
C LEU B 94 19.71 -15.16 -15.57
N PHE B 95 18.99 -16.05 -14.88
CA PHE B 95 17.55 -15.90 -14.64
C PHE B 95 17.15 -16.15 -13.20
N ASN B 96 16.02 -15.56 -12.86
CA ASN B 96 15.50 -15.69 -11.50
C ASN B 96 13.99 -15.74 -11.60
N ILE B 97 13.37 -16.48 -10.69
CA ILE B 97 11.93 -16.41 -10.51
C ILE B 97 11.79 -15.74 -9.14
N HIS B 98 11.12 -14.60 -9.18
CA HIS B 98 10.90 -13.82 -7.98
C HIS B 98 9.44 -13.99 -7.53
N PHE B 99 9.30 -14.17 -6.21
CA PHE B 99 7.99 -14.38 -5.58
C PHE B 99 7.24 -13.07 -5.33
N SER B 100 6.93 -12.32 -6.39
CA SER B 100 6.00 -11.22 -6.28
C SER B 100 5.60 -10.81 -7.68
N ALA B 101 4.60 -9.93 -7.77
CA ALA B 101 4.20 -9.40 -9.07
C ALA B 101 5.03 -8.12 -9.33
N LEU B 102 6.23 -8.32 -9.85
CA LEU B 102 7.15 -7.21 -10.08
C LEU B 102 6.44 -6.21 -10.98
N PRO B 103 6.67 -4.90 -10.80
CA PRO B 103 7.74 -4.30 -10.05
C PRO B 103 7.47 -4.15 -8.57
N LYS B 104 6.28 -4.53 -8.09
CA LYS B 104 6.02 -4.48 -6.66
C LYS B 104 6.75 -5.57 -5.87
N TYR B 105 6.99 -5.25 -4.60
CA TYR B 105 7.54 -6.18 -3.60
C TYR B 105 8.81 -6.90 -4.07
N LYS B 106 9.78 -6.10 -4.56
CA LYS B 106 11.17 -6.55 -4.66
C LYS B 106 11.65 -6.80 -3.23
N GLY B 107 12.70 -7.59 -3.11
CA GLY B 107 13.32 -7.80 -1.81
C GLY B 107 12.85 -9.06 -1.14
N VAL B 108 12.77 -9.06 0.19
CA VAL B 108 12.57 -10.29 0.92
C VAL B 108 11.16 -10.34 1.58
N PHE B 109 10.87 -11.50 2.18
CA PHE B 109 9.68 -11.71 3.00
C PHE B 109 8.43 -11.39 2.17
N THR B 110 8.43 -11.83 0.93
CA THR B 110 7.35 -11.48 0.03
C THR B 110 6.06 -12.31 0.23
N SER B 111 6.07 -13.30 1.12
CA SER B 111 4.78 -13.87 1.62
C SER B 111 4.15 -13.03 2.72
N ILE B 112 4.92 -12.11 3.30
CA ILE B 112 4.45 -11.16 4.32
C ILE B 112 4.06 -9.80 3.78
N THR B 113 4.94 -9.18 3.00
CA THR B 113 4.77 -7.79 2.58
C THR B 113 3.53 -7.47 1.79
N PRO B 114 3.10 -8.32 0.83
CA PRO B 114 1.91 -7.91 0.13
C PRO B 114 0.65 -7.97 1.03
N ILE B 115 0.59 -8.96 1.89
CA ILE B 115 -0.56 -9.07 2.82
C ILE B 115 -0.64 -7.86 3.77
N LEU B 116 0.49 -7.65 4.42
CA LEU B 116 0.67 -6.50 5.28
C LEU B 116 0.33 -5.16 4.61
N ASN B 117 0.52 -5.04 3.30
CA ASN B 117 0.23 -3.83 2.58
C ASN B 117 -1.08 -3.89 1.86
N ASN B 118 -1.95 -4.82 2.29
CA ASN B 118 -3.37 -4.82 1.91
C ASN B 118 -3.63 -5.25 0.47
N GLU B 119 -2.75 -6.08 -0.09
CA GLU B 119 -2.98 -6.51 -1.48
C GLU B 119 -4.02 -7.61 -1.47
N LEU B 120 -4.76 -7.73 -2.58
CA LEU B 120 -5.70 -8.77 -2.85
C LEU B 120 -5.13 -9.80 -3.80
N GLU B 121 -3.95 -9.48 -4.34
CA GLU B 121 -3.33 -10.37 -5.29
C GLU B 121 -1.82 -10.26 -5.23
N SER B 122 -1.18 -11.30 -5.70
CA SER B 122 0.26 -11.31 -5.84
C SER B 122 0.56 -12.04 -7.13
N GLY B 123 1.79 -12.51 -7.28
CA GLY B 123 2.23 -13.15 -8.50
C GLY B 123 3.64 -13.67 -8.40
N VAL B 124 4.04 -14.42 -9.42
CA VAL B 124 5.44 -14.83 -9.60
C VAL B 124 5.92 -14.20 -10.91
N THR B 125 7.20 -13.84 -10.96
CA THR B 125 7.76 -13.16 -12.13
C THR B 125 9.10 -13.78 -12.49
N LEU B 126 9.21 -14.23 -13.73
CA LEU B 126 10.47 -14.70 -14.28
C LEU B 126 11.19 -13.51 -14.91
N HIS B 127 12.46 -13.31 -14.58
CA HIS B 127 13.18 -12.15 -15.08
C HIS B 127 14.68 -12.46 -15.23
N ARG B 128 15.39 -11.61 -15.97
CA ARG B 128 16.84 -11.75 -16.18
C ARG B 128 17.37 -11.17 -14.92
N ILE B 129 18.47 -11.71 -14.41
CA ILE B 129 19.14 -11.11 -13.29
C ILE B 129 20.07 -9.99 -13.79
N ASP B 130 19.96 -8.77 -13.22
CA ASP B 130 21.03 -7.74 -13.39
C ASP B 130 21.58 -7.51 -12.00
N ASN B 131 22.43 -6.50 -11.85
CA ASN B 131 23.13 -6.39 -10.62
C ASN B 131 22.25 -5.92 -9.46
N GLY B 132 21.04 -5.46 -9.71
CA GLY B 132 20.20 -5.00 -8.60
C GLY B 132 19.29 -6.14 -8.11
N ILE B 133 18.59 -5.87 -7.02
CA ILE B 133 17.74 -6.87 -6.39
C ILE B 133 16.32 -6.87 -6.98
N ASP B 134 16.08 -7.91 -7.77
CA ASP B 134 14.82 -8.18 -8.46
C ASP B 134 14.47 -7.06 -9.42
N THR B 135 15.51 -6.47 -10.04
CA THR B 135 15.39 -5.30 -10.89
C THR B 135 15.43 -5.53 -12.38
N GLY B 136 15.92 -6.68 -12.79
CA GLY B 136 16.07 -7.08 -14.18
C GLY B 136 14.81 -7.17 -15.01
N ASN B 137 15.01 -7.25 -16.32
CA ASN B 137 13.90 -7.23 -17.23
C ASN B 137 13.01 -8.48 -17.09
N ILE B 138 11.71 -8.24 -17.09
CA ILE B 138 10.70 -9.33 -16.96
C ILE B 138 10.48 -10.02 -18.28
N ILE B 139 10.45 -11.34 -18.18
CA ILE B 139 10.18 -12.27 -19.27
C ILE B 139 8.73 -12.75 -19.19
N ASP B 140 8.28 -13.18 -18.01
CA ASP B 140 6.90 -13.61 -17.85
C ASP B 140 6.50 -13.35 -16.40
N GLN B 141 5.19 -13.28 -16.20
CA GLN B 141 4.64 -12.99 -14.89
C GLN B 141 3.29 -13.75 -14.82
N HIS B 142 2.97 -14.42 -13.72
CA HIS B 142 1.63 -14.99 -13.48
C HIS B 142 1.08 -14.43 -12.16
N CYS B 143 -0.05 -13.72 -12.22
CA CYS B 143 -0.77 -13.16 -11.06
C CYS B 143 -1.83 -14.13 -10.54
N PHE B 144 -2.07 -14.09 -9.23
CA PHE B 144 -3.06 -14.98 -8.60
C PHE B 144 -3.61 -14.30 -7.33
N PRO B 145 -4.79 -14.74 -6.86
CA PRO B 145 -5.39 -14.05 -5.70
C PRO B 145 -4.68 -14.38 -4.39
N ILE B 146 -4.61 -13.40 -3.51
CA ILE B 146 -4.37 -13.67 -2.10
C ILE B 146 -5.81 -13.75 -1.51
N ASP B 147 -6.30 -14.94 -1.15
CA ASP B 147 -7.66 -15.07 -0.66
C ASP B 147 -7.78 -14.37 0.67
N ILE B 148 -9.00 -14.02 1.04
CA ILE B 148 -9.14 -13.08 2.12
C ILE B 148 -8.62 -13.69 3.42
N ASN B 149 -8.65 -15.03 3.58
CA ASN B 149 -8.16 -15.63 4.82
C ASN B 149 -6.86 -16.39 4.69
N ASP B 150 -6.22 -16.21 3.54
CA ASP B 150 -4.89 -16.80 3.30
C ASP B 150 -3.90 -16.17 4.28
N THR B 151 -3.08 -17.04 4.82
CA THR B 151 -1.97 -16.67 5.64
C THR B 151 -0.70 -16.54 4.78
N ALA B 152 0.37 -16.08 5.40
CA ALA B 152 1.66 -15.93 4.68
C ALA B 152 2.09 -17.31 4.21
N ARG B 153 1.91 -18.31 5.06
CA ARG B 153 2.27 -19.67 4.66
C ARG B 153 1.45 -20.18 3.46
N ASP B 154 0.17 -19.86 3.41
CA ASP B 154 -0.64 -20.18 2.25
C ASP B 154 -0.12 -19.47 1.01
N LEU B 155 0.20 -18.20 1.14
CA LEU B 155 0.71 -17.48 -0.02
C LEU B 155 2.09 -18.05 -0.45
N TYR B 156 2.91 -18.44 0.51
CA TYR B 156 4.19 -19.03 0.10
C TYR B 156 3.98 -20.28 -0.77
N PHE B 157 3.04 -21.13 -0.36
CA PHE B 157 2.80 -22.34 -1.10
C PHE B 157 2.20 -22.06 -2.48
N ASN B 158 1.43 -21.01 -2.62
CA ASN B 158 1.01 -20.57 -3.92
C ASN B 158 2.23 -20.09 -4.76
N TYR B 159 3.22 -19.42 -4.17
CA TYR B 159 4.41 -18.97 -4.94
C TYR B 159 5.13 -20.19 -5.48
N LEU B 160 5.31 -21.19 -4.61
CA LEU B 160 5.98 -22.42 -5.03
C LEU B 160 5.30 -23.08 -6.24
N LYS B 161 3.96 -23.12 -6.20
CA LYS B 161 3.19 -23.83 -7.19
C LYS B 161 3.24 -23.04 -8.48
N TYR B 162 2.90 -21.76 -8.42
CA TYR B 162 2.87 -20.92 -9.64
C TYR B 162 4.27 -20.64 -10.20
N GLY B 163 5.24 -20.68 -9.31
CA GLY B 163 6.61 -20.51 -9.72
C GLY B 163 7.11 -21.68 -10.54
N GLU B 164 6.94 -22.88 -10.01
CA GLU B 164 7.27 -24.12 -10.68
C GLU B 164 6.68 -24.12 -12.10
N SER B 165 5.43 -23.72 -12.15
CA SER B 165 4.67 -23.63 -13.32
C SER B 165 5.27 -22.65 -14.33
N ILE B 166 5.66 -21.47 -13.85
CA ILE B 166 6.10 -20.44 -14.79
C ILE B 166 7.49 -20.87 -15.31
N PHE B 167 8.25 -21.55 -14.46
CA PHE B 167 9.46 -22.19 -14.93
C PHE B 167 9.18 -23.11 -16.16
N LYS B 168 8.24 -24.04 -15.98
CA LYS B 168 7.94 -25.00 -17.04
C LYS B 168 7.41 -24.29 -18.27
N LYS B 169 6.68 -23.20 -18.09
CA LYS B 169 6.05 -22.52 -19.20
C LYS B 169 7.16 -21.92 -20.07
N ASN B 170 8.28 -21.54 -19.46
CA ASN B 170 9.23 -20.69 -20.16
C ASN B 170 10.58 -21.29 -20.54
N ILE B 171 10.92 -22.44 -19.95
CA ILE B 171 12.27 -23.02 -20.00
C ILE B 171 12.66 -23.31 -21.47
N GLN B 172 11.74 -23.79 -22.29
CA GLN B 172 12.08 -24.03 -23.68
C GLN B 172 12.66 -22.78 -24.33
N THR B 173 11.94 -21.66 -24.25
CA THR B 173 12.43 -20.48 -24.96
C THR B 173 13.67 -19.91 -24.33
N ILE B 174 13.92 -20.30 -23.10
CA ILE B 174 15.14 -19.92 -22.42
C ILE B 174 16.29 -20.77 -22.95
N ILE B 175 16.07 -22.08 -23.04
CA ILE B 175 17.06 -22.96 -23.63
C ILE B 175 17.36 -22.61 -25.10
N ASN B 176 16.35 -22.26 -25.90
CA ASN B 176 16.53 -21.78 -27.28
C ASN B 176 17.04 -20.36 -27.37
N ASN B 177 17.06 -19.65 -26.24
CA ASN B 177 17.44 -18.25 -26.26
C ASN B 177 16.56 -17.38 -27.15
N SER B 178 15.29 -17.77 -27.26
CA SER B 178 14.33 -17.09 -28.11
C SER B 178 13.37 -16.26 -27.29
N TYR B 179 13.61 -16.12 -25.99
CA TYR B 179 12.67 -15.42 -25.09
C TYR B 179 12.60 -13.91 -25.34
N LYS B 180 11.48 -13.31 -24.95
CA LYS B 180 11.33 -11.87 -24.97
C LYS B 180 11.37 -11.31 -23.54
N ASP B 181 11.81 -10.06 -23.38
CA ASP B 181 11.73 -9.39 -22.10
C ASP B 181 11.41 -7.91 -22.24
N LEU B 182 11.09 -7.27 -21.11
CA LEU B 182 10.76 -5.87 -21.07
C LEU B 182 11.29 -5.28 -19.79
N LYS B 183 11.88 -4.10 -19.87
CA LYS B 183 12.39 -3.43 -18.69
C LYS B 183 11.28 -3.08 -17.72
N GLN B 184 11.60 -3.13 -16.43
CA GLN B 184 10.69 -2.74 -15.38
C GLN B 184 10.51 -1.24 -15.37
N THR B 185 9.30 -0.78 -15.08
CA THR B 185 9.00 0.63 -14.88
C THR B 185 9.56 1.12 -13.53
N ASN B 186 9.80 2.43 -13.42
CA ASN B 186 10.09 3.04 -12.15
C ASN B 186 8.84 3.10 -11.27
N ILE B 187 7.70 3.35 -11.90
CA ILE B 187 6.45 3.54 -11.12
C ILE B 187 5.92 2.18 -10.67
N ASN B 188 5.30 2.19 -9.50
CA ASN B 188 4.85 0.99 -8.80
C ASN B 188 5.92 0.09 -8.20
N SER B 189 7.19 0.45 -8.37
CA SER B 189 8.28 -0.33 -7.85
C SER B 189 8.41 -0.14 -6.34
N SER B 190 8.51 -1.25 -5.60
CA SER B 190 8.59 -1.21 -4.18
C SER B 190 9.51 -2.31 -3.73
N TYR B 191 10.05 -2.16 -2.52
CA TYR B 191 11.13 -3.01 -2.06
C TYR B 191 11.13 -3.06 -0.57
N PHE B 192 11.31 -4.25 -0.01
CA PHE B 192 11.48 -4.40 1.43
C PHE B 192 12.72 -5.24 1.69
N SER B 193 13.52 -4.83 2.66
CA SER B 193 14.69 -5.60 3.09
C SER B 193 14.39 -6.18 4.46
N ARG B 194 15.22 -7.05 5.00
CA ARG B 194 14.92 -7.71 6.30
C ARG B 194 14.70 -6.72 7.43
N LYS B 195 15.45 -5.62 7.44
CA LYS B 195 15.33 -4.63 8.50
C LYS B 195 13.98 -3.92 8.45
N ASP B 196 13.29 -3.90 7.33
CA ASP B 196 11.99 -3.28 7.35
C ASP B 196 10.94 -4.15 8.01
N ILE B 197 11.20 -5.40 8.32
CA ILE B 197 10.11 -6.21 8.84
C ILE B 197 10.51 -6.68 10.20
N ASN B 198 9.67 -6.38 11.18
CA ASN B 198 9.88 -6.96 12.49
C ASN B 198 9.00 -8.20 12.65
N LEU B 199 9.65 -9.35 12.62
CA LEU B 199 8.98 -10.64 12.70
C LEU B 199 8.18 -10.87 13.97
N VAL B 200 8.42 -10.08 15.00
CA VAL B 200 7.59 -10.07 16.20
C VAL B 200 6.71 -8.85 16.06
N HIS B 201 5.60 -9.05 15.38
CA HIS B 201 4.76 -7.96 14.98
C HIS B 201 3.89 -7.53 16.13
N LYS B 202 3.91 -6.25 16.48
CA LYS B 202 3.01 -5.71 17.49
C LYS B 202 1.83 -5.10 16.72
N ILE B 203 0.64 -5.61 16.99
CA ILE B 203 -0.55 -5.26 16.21
C ILE B 203 -1.05 -3.88 16.60
N ASN B 204 -1.40 -3.10 15.59
CA ASN B 204 -1.98 -1.76 15.75
C ASN B 204 -3.47 -1.98 15.52
N PHE B 205 -4.21 -1.96 16.62
CA PHE B 205 -5.64 -2.18 16.62
C PHE B 205 -6.46 -0.94 16.25
N LYS B 206 -5.84 0.23 16.25
CA LYS B 206 -6.50 1.44 15.78
C LYS B 206 -6.42 1.53 14.25
N LYS B 207 -7.03 0.52 13.65
CA LYS B 207 -6.96 0.22 12.25
C LYS B 207 -8.26 -0.40 11.90
N THR B 208 -8.53 -0.53 10.61
CA THR B 208 -9.74 -1.16 10.20
C THR B 208 -9.64 -2.67 10.51
N SER B 209 -10.77 -3.35 10.47
CA SER B 209 -10.79 -4.80 10.54
C SER B 209 -9.86 -5.47 9.51
N PHE B 210 -9.96 -5.02 8.27
CA PHE B 210 -9.18 -5.55 7.17
C PHE B 210 -7.69 -5.46 7.55
N GLU B 211 -7.26 -4.32 8.05
CA GLU B 211 -5.87 -4.08 8.40
C GLU B 211 -5.40 -4.91 9.60
N ILE B 212 -6.28 -5.06 10.59
CA ILE B 212 -5.95 -5.83 11.76
C ILE B 212 -5.75 -7.29 11.42
N HIS B 213 -6.68 -7.81 10.60
CA HIS B 213 -6.71 -9.16 10.06
C HIS B 213 -5.44 -9.37 9.21
N ASN B 214 -5.11 -8.38 8.38
CA ASN B 214 -3.93 -8.47 7.51
C ASN B 214 -2.68 -8.58 8.35
N GLN B 215 -2.63 -7.77 9.39
CA GLN B 215 -1.55 -7.76 10.31
C GLN B 215 -1.33 -9.10 10.98
N ILE B 216 -2.39 -9.79 11.34
CA ILE B 216 -2.26 -11.09 11.97
C ILE B 216 -1.80 -12.14 10.96
N ARG B 217 -2.50 -12.23 9.84
CA ARG B 217 -2.32 -13.38 9.01
C ARG B 217 -1.00 -13.26 8.21
N ALA B 218 -0.53 -12.04 8.04
CA ALA B 218 0.79 -11.86 7.39
C ALA B 218 1.96 -12.50 8.12
N PHE B 219 1.85 -12.68 9.43
CA PHE B 219 2.85 -13.35 10.23
C PHE B 219 2.53 -14.82 10.63
N ILE B 220 1.48 -15.40 10.05
CA ILE B 220 1.17 -16.79 10.32
C ILE B 220 2.01 -17.65 9.36
N PHE B 221 3.09 -18.22 9.88
CA PHE B 221 3.89 -19.20 9.11
C PHE B 221 4.65 -20.05 10.12
N GLN B 222 3.94 -21.08 10.58
CA GLN B 222 4.20 -21.77 11.83
C GLN B 222 5.61 -22.32 11.93
N GLU B 223 6.14 -22.75 10.79
CA GLU B 223 7.53 -23.20 10.81
C GLU B 223 8.49 -22.15 11.30
N TYR B 224 8.15 -20.86 11.22
CA TYR B 224 9.00 -19.77 11.68
C TYR B 224 8.45 -19.09 12.91
N GLN B 225 7.21 -18.63 12.78
CA GLN B 225 6.54 -18.00 13.90
C GLN B 225 5.04 -17.93 13.74
N LEU B 226 4.42 -17.54 14.85
CA LEU B 226 3.00 -17.21 14.85
C LEU B 226 2.86 -15.88 15.57
N PRO B 227 1.90 -15.05 15.15
CA PRO B 227 1.66 -13.87 15.95
C PRO B 227 1.04 -14.17 17.31
N ILE B 228 1.30 -13.26 18.26
CA ILE B 228 0.87 -13.41 19.63
C ILE B 228 -0.12 -12.28 19.98
N ILE B 229 -1.31 -12.65 20.44
CA ILE B 229 -2.25 -11.72 21.04
C ILE B 229 -2.55 -12.11 22.48
N ASN B 230 -2.42 -11.19 23.44
CA ASN B 230 -2.60 -11.49 24.85
C ASN B 230 -1.97 -12.82 25.22
N ASN B 231 -0.69 -12.97 24.92
CA ASN B 231 0.06 -14.14 25.28
C ASN B 231 -0.47 -15.43 24.74
N SER B 232 -1.08 -15.38 23.55
CA SER B 232 -1.59 -16.56 22.92
C SER B 232 -1.20 -16.57 21.45
N LYS B 233 -0.62 -17.66 20.99
CA LYS B 233 -0.31 -17.81 19.56
C LYS B 233 -1.59 -17.95 18.76
N ILE B 234 -1.63 -17.30 17.61
CA ILE B 234 -2.72 -17.34 16.67
C ILE B 234 -2.37 -18.14 15.43
N ILE B 235 -3.23 -19.09 15.08
CA ILE B 235 -2.97 -19.98 13.91
C ILE B 235 -3.80 -19.63 12.68
N LYS B 236 -4.88 -18.87 12.87
CA LYS B 236 -5.71 -18.48 11.76
C LYS B 236 -6.53 -17.25 12.10
N SER B 237 -6.74 -16.39 11.10
CA SER B 237 -7.57 -15.21 11.26
C SER B 237 -8.64 -15.30 10.18
N ILE B 238 -9.88 -15.05 10.58
CA ILE B 238 -11.02 -15.10 9.68
C ILE B 238 -11.72 -13.76 9.66
N LEU B 239 -11.88 -13.16 8.47
CA LEU B 239 -12.47 -11.81 8.37
C LEU B 239 -13.82 -11.95 7.73
N ALA B 240 -14.86 -11.40 8.38
CA ALA B 240 -16.20 -11.47 7.83
C ALA B 240 -16.75 -10.10 7.57
N ASN B 241 -17.77 -10.07 6.73
CA ASN B 241 -18.58 -8.90 6.49
C ASN B 241 -19.50 -8.47 7.58
N GLU B 242 -19.56 -9.20 8.66
CA GLU B 242 -20.59 -8.93 9.64
C GLU B 242 -20.15 -7.76 10.48
N PHE B 243 -21.01 -6.75 10.60
CA PHE B 243 -20.77 -5.62 11.47
C PHE B 243 -21.04 -5.96 12.91
N ILE B 244 -20.10 -5.78 13.83
CA ILE B 244 -20.34 -6.17 15.21
C ILE B 244 -20.06 -5.02 16.18
N GLY B 245 -19.99 -3.79 15.66
CA GLY B 245 -19.59 -2.66 16.49
C GLY B 245 -18.11 -2.30 16.36
N TYR B 246 -17.72 -1.10 16.79
CA TYR B 246 -16.37 -0.58 16.54
C TYR B 246 -15.49 -1.00 17.69
N ASN B 247 -14.28 -1.41 17.35
CA ASN B 247 -13.18 -1.57 18.30
C ASN B 247 -13.50 -2.61 19.36
N VAL B 248 -14.07 -3.69 18.87
CA VAL B 248 -14.36 -4.88 19.70
C VAL B 248 -13.06 -5.66 19.96
N PHE B 249 -12.89 -6.14 21.19
CA PHE B 249 -11.78 -7.01 21.55
C PHE B 249 -12.21 -7.79 22.78
N GLU B 250 -12.39 -9.10 22.56
CA GLU B 250 -12.85 -10.06 23.57
C GLU B 250 -12.03 -11.34 23.46
N GLU B 251 -11.37 -11.76 24.54
CA GLU B 251 -10.59 -13.00 24.59
C GLU B 251 -11.48 -14.15 25.09
N PHE B 252 -11.56 -15.23 24.29
CA PHE B 252 -12.19 -16.47 24.76
C PHE B 252 -11.11 -17.56 24.92
N GLU B 253 -11.51 -18.73 25.40
CA GLU B 253 -10.57 -19.82 25.55
C GLU B 253 -9.94 -20.22 24.24
N ASN B 254 -10.72 -20.32 23.16
CA ASN B 254 -10.18 -20.85 21.92
C ASN B 254 -9.89 -19.80 20.82
N TYR B 255 -10.22 -18.55 21.08
CA TYR B 255 -10.21 -17.52 20.03
C TYR B 255 -10.45 -16.13 20.67
N PHE B 256 -10.13 -15.15 19.85
CA PHE B 256 -10.50 -13.77 20.06
C PHE B 256 -11.51 -13.32 19.02
N ILE B 257 -12.44 -12.47 19.48
CA ILE B 257 -13.33 -11.71 18.62
C ILE B 257 -12.86 -10.26 18.62
N ILE B 258 -12.65 -9.75 17.42
CA ILE B 258 -11.98 -8.47 17.23
C ILE B 258 -12.65 -7.71 16.11
N SER B 259 -12.81 -6.39 16.30
CA SER B 259 -13.14 -5.54 15.16
C SER B 259 -12.31 -4.31 15.31
N GLY B 260 -12.14 -3.63 14.17
CA GLY B 260 -11.37 -2.43 14.13
C GLY B 260 -12.27 -1.21 14.06
N ILE B 261 -11.75 -0.13 13.48
CA ILE B 261 -12.46 1.15 13.48
C ILE B 261 -13.66 1.18 12.57
N ASP B 262 -13.78 0.24 11.65
CA ASP B 262 -14.95 0.09 10.84
C ASP B 262 -15.93 -1.02 11.29
N GLY B 263 -15.57 -1.66 12.39
CA GLY B 263 -16.44 -2.67 13.03
C GLY B 263 -16.69 -4.05 12.44
N PHE B 264 -15.89 -4.57 11.50
CA PHE B 264 -16.16 -5.85 10.90
C PHE B 264 -15.53 -6.97 11.74
N LYS B 265 -16.27 -8.05 11.81
CA LYS B 265 -15.84 -9.15 12.65
C LYS B 265 -14.66 -9.98 12.16
N ILE B 266 -13.74 -10.16 13.09
CA ILE B 266 -12.56 -11.00 12.92
C ILE B 266 -12.66 -12.07 13.98
N ILE B 267 -12.37 -13.30 13.58
CA ILE B 267 -12.11 -14.29 14.58
C ILE B 267 -10.66 -14.73 14.44
N ALA B 268 -9.95 -14.56 15.54
CA ALA B 268 -8.56 -14.94 15.53
C ALA B 268 -8.48 -16.23 16.37
N GLN B 269 -8.13 -17.33 15.71
CA GLN B 269 -8.14 -18.64 16.36
C GLN B 269 -6.83 -18.93 17.05
N LYS B 270 -6.95 -19.36 18.30
CA LYS B 270 -5.79 -19.88 19.02
C LYS B 270 -5.43 -21.29 18.57
N LEU B 271 -4.17 -21.58 18.76
CA LEU B 271 -3.45 -22.79 18.42
C LEU B 271 -3.73 -23.99 19.33
N3 1YJ C . -18.17 10.28 11.39
C2 1YJ C . -18.41 10.93 12.54
N1 1YJ C . -18.14 12.25 12.71
C8A 1YJ C . -17.57 12.91 11.68
C4A 1YJ C . -17.24 12.24 10.49
C4 1YJ C . -17.54 10.89 10.37
N8 1YJ C . -17.30 14.20 11.87
C7 1YJ C . -16.62 14.92 10.77
C6 1YJ C . -15.80 14.04 9.81
N5 1YJ C . -16.59 12.88 9.47
C9 1YJ C . -14.44 13.46 10.23
N10 1YJ C . -13.62 14.32 11.05
C4' 1YJ C . -12.60 13.92 11.85
C3' 1YJ C . -12.32 14.76 12.93
C2' 1YJ C . -11.34 14.45 13.87
C1' 1YJ C . -10.62 13.26 13.75
C6' 1YJ C . -10.90 12.41 12.68
C5' 1YJ C . -11.89 12.71 11.75
C11 1YJ C . -9.63 12.96 14.83
N 1YJ C . -8.97 11.81 14.92
CA 1YJ C . -8.04 11.43 15.97
C 1YJ C . -6.62 11.12 15.55
OX2 1YJ C . -6.36 10.74 14.38
OX1 1YJ C . -5.75 11.26 16.45
CB 1YJ C . -8.57 10.10 16.49
CG 1YJ C . -9.81 10.32 17.34
CD 1YJ C . -10.39 9.04 17.90
OE1 1YJ C . -11.52 9.17 18.45
OE2 1YJ C . -9.76 7.94 17.83
O11 1YJ C . -9.53 13.83 15.70
O4 1YJ C . -17.32 10.12 9.27
N2 1YJ C . -19.05 10.24 13.52
O4 T3Q D . 0.94 19.43 10.23
C4 T3Q D . 0.41 19.15 9.12
N3 T3Q D . 1.18 18.82 8.06
C2 T3Q D . 0.59 18.58 6.87
O2 T3Q D . 1.38 18.24 5.92
C5 T3Q D . -0.96 19.19 8.95
C5M T3Q D . -1.79 19.60 10.15
C6 T3Q D . -1.49 18.98 7.79
N1 T3Q D . -0.74 18.65 6.76
C1' T3Q D . -1.38 18.36 5.46
O4' T3Q D . -2.54 19.17 5.31
C2' T3Q D . -1.83 16.92 5.39
C3' T3Q D . -3.36 16.96 5.42
O3' T3Q D . -3.96 15.95 4.63
C4' T3Q D . -3.65 18.37 4.95
C5' T3Q D . -4.91 18.98 5.58
O5' T3Q D . -4.71 19.07 6.98
PA T3Q D . -5.95 19.10 7.99
O1A T3Q D . -6.85 20.17 7.41
O2A T3Q D . -5.37 19.10 9.38
O3A T3Q D . -6.85 17.85 7.59
PB T3Q D . -6.51 16.27 7.39
O1B T3Q D . -6.15 15.95 5.92
O2B T3Q D . -5.83 15.76 8.60
O3B T3Q D . -8.07 15.91 7.53
O4Q T3Q D . -12.36 17.25 8.61
C4Q T3Q D . -11.21 16.55 9.14
C5Q T3Q D . -9.95 17.41 9.26
O5Q T3Q D . -8.88 16.55 9.70
C6Q T3Q D . -10.02 18.61 10.17
C3Q T3Q D . -10.95 15.51 8.09
N3Q T3Q D . -12.16 14.75 7.81
C2Q T3Q D . -9.81 14.59 8.55
O2Q T3Q D . -9.55 13.65 7.50
C1Q T3Q D . -8.57 15.47 8.82
S1 MPO E . 19.24 12.65 5.75
O1 MPO E . 18.08 12.63 4.80
O2 MPO E . 19.26 14.01 6.37
O4 MPO E . 22.48 7.53 1.32
N1 MPO E . 22.53 9.52 3.29
C1 MPO E . 20.69 12.40 4.94
O3 MPO E . 19.01 11.54 6.72
C2 MPO E . 20.92 11.00 4.38
C3 MPO E . 22.36 10.83 3.88
C4 MPO E . 23.73 9.33 2.48
C5 MPO E . 23.73 7.90 1.93
C6 MPO E . 21.32 7.95 2.06
C7 MPO E . 21.63 8.40 3.49
N3 1YJ F . 19.86 -9.92 -8.60
C2 1YJ F . 21.10 -10.38 -8.29
N1 1YJ F . 21.23 -11.58 -7.66
C8A 1YJ F . 20.14 -12.33 -7.40
C4A 1YJ F . 18.86 -11.89 -7.68
C4 1YJ F . 18.76 -10.67 -8.30
N8 1YJ F . 20.33 -13.54 -6.77
C7 1YJ F . 19.14 -14.30 -6.35
C6 1YJ F . 17.85 -13.46 -6.21
N5 1YJ F . 17.71 -12.60 -7.37
C9 1YJ F . 17.84 -12.47 -5.05
N10 1YJ F . 18.12 -13.12 -3.79
C4' 1YJ F . 18.30 -12.40 -2.67
C3' 1YJ F . 19.25 -12.87 -1.77
C2' 1YJ F . 19.57 -12.12 -0.65
C1' 1YJ F . 18.93 -10.90 -0.43
C6' 1YJ F . 18.01 -10.44 -1.35
C5' 1YJ F . 17.69 -11.18 -2.48
C11 1YJ F . 19.30 -10.09 0.78
N 1YJ F . 18.82 -8.87 1.07
CA 1YJ F . 19.33 -8.19 2.26
C 1YJ F . 18.31 -7.75 3.26
OX2 1YJ F . 17.14 -7.68 2.90
OX1 1YJ F . 18.66 -7.37 4.41
CB 1YJ F . 19.96 -6.88 1.80
CG 1YJ F . 21.41 -6.95 1.28
CD 1YJ F . 21.70 -5.62 0.56
OE1 1YJ F . 22.34 -5.68 -0.50
OE2 1YJ F . 21.30 -4.51 0.99
O11 1YJ F . 20.14 -10.66 1.47
O4 1YJ F . 17.58 -10.18 -8.66
N2 1YJ F . 22.17 -9.63 -8.63
O1F 1YF G . 14.10 -13.04 -6.01
C1F 1YF G . 13.91 -13.70 -4.92
N3Q 1YF G . 14.81 -13.93 -3.77
C3Q 1YF G . 14.45 -14.50 -2.45
C2Q 1YF G . 14.14 -13.40 -1.42
O2Q 1YF G . 12.93 -12.75 -1.87
C4Q 1YF G . 15.59 -15.34 -1.91
O4Q 1YF G . 15.77 -16.41 -2.85
C5Q 1YF G . 15.35 -15.88 -0.50
C6Q 1YF G . 16.54 -16.71 -0.03
O5Q 1YF G . 15.06 -14.82 0.43
C1Q 1YF G . 14.00 -13.96 0.00
O3B 1YF G . 12.76 -14.66 0.10
PB 1YF G . 12.07 -14.81 1.57
O2B 1YF G . 12.57 -13.73 2.47
O1B 1YF G . 10.61 -14.91 1.13
O3A 1YF G . 12.77 -16.22 1.86
PA 1YF G . 12.64 -17.44 2.89
O1A 1YF G . 13.68 -17.21 3.97
O2A 1YF G . 12.77 -18.70 2.10
O5' 1YF G . 11.24 -17.25 3.59
C5' 1YF G . 10.09 -17.67 2.88
C4' 1YF G . 8.88 -17.11 3.62
O4' 1YF G . 8.93 -17.59 4.96
C3' 1YF G . 8.88 -15.59 3.78
O3' 1YF G . 8.40 -14.92 2.63
C2' 1YF G . 7.96 -15.47 4.98
C1' 1YF G . 8.33 -16.67 5.81
N1 1YF G . 9.26 -16.44 6.91
C2 1YF G . 8.75 -16.10 8.10
O2 1YF G . 7.40 -15.92 8.33
C6 1YF G . 10.58 -16.68 6.73
C5 1YF G . 11.47 -16.45 7.78
C5M 1YF G . 12.98 -16.65 7.66
C4 1YF G . 10.93 -16.12 9.02
N3 1YF G . 9.60 -15.92 9.14
O4 1YF G . 11.73 -15.94 10.10
S1 MPO H . -1.73 -7.66 22.44
O1 MPO H . -2.19 -7.95 21.05
O2 MPO H . -0.82 -6.48 22.32
O4 MPO H . -7.90 -2.98 22.83
N1 MPO H . -5.94 -4.78 23.13
C1 MPO H . -2.98 -7.20 23.45
O3 MPO H . -1.01 -8.86 22.93
C2 MPO H . -3.77 -5.95 23.02
C3 MPO H . -5.23 -5.98 23.53
C4 MPO H . -6.04 -3.72 24.12
C5 MPO H . -6.67 -2.52 23.41
C6 MPO H . -7.61 -3.65 21.61
C7 MPO H . -6.47 -4.66 21.78
#